data_7COL
#
_entry.id   7COL
#
_cell.length_a   40.500
_cell.length_b   61.528
_cell.length_c   96.855
_cell.angle_alpha   90.000
_cell.angle_beta   96.820
_cell.angle_gamma   90.000
#
_symmetry.space_group_name_H-M   'P 1 21 1'
#
loop_
_entity.id
_entity.type
_entity.pdbx_description
1 polymer '5-ketofructose reductase'
2 non-polymer 'NADPH DIHYDRO-NICOTINAMIDE-ADENINE-DINUCLEOTIDE PHOSPHATE'
3 water water
#
_entity_poly.entity_id   1
_entity_poly.type   'polypeptide(L)'
_entity_poly.pdbx_seq_one_letter_code
;MSGQGFRSILTGSFSTPCADNPTVAMVEAGYHHAGLDARYINCDVKASGLADAVKGAKAMEWVGFNCSLPHKVAVLDHLD
DIAESARLIGAVNCVAIREGKLIGHNTDGKGFLASLKTVTSPAGKRVVILGAGGAARAIAVELALAGAAHITIVNRDASK
AETIAALINDKTEATGEAQAWSGKFSLPTGTDILINATSIGLGDPNAAPPVEMGSLTKETVVADVIPNPPQTRFLKDAKA
LGCTTLDGLGMLVNQGVIGVEIWLGRTLDSAVMAQTLENIFGTENK
;
_entity_poly.pdbx_strand_id   A,B
#
loop_
_chem_comp.id
_chem_comp.type
_chem_comp.name
_chem_comp.formula
NDP non-polymer 'NADPH DIHYDRO-NICOTINAMIDE-ADENINE-DINUCLEOTIDE PHOSPHATE' 'C21 H30 N7 O17 P3'
#
# COMPACT_ATOMS: atom_id res chain seq x y z
N GLN A 4 -0.68 -17.95 -1.13
CA GLN A 4 -1.80 -18.27 -2.07
C GLN A 4 -2.91 -17.20 -2.01
N GLY A 5 -2.84 -16.14 -2.83
CA GLY A 5 -1.66 -15.77 -3.64
C GLY A 5 -0.99 -14.52 -3.08
N PHE A 6 -0.56 -13.60 -3.94
CA PHE A 6 0.17 -12.39 -3.50
C PHE A 6 -0.48 -11.05 -3.88
N ARG A 7 -1.66 -11.09 -4.49
CA ARG A 7 -2.43 -9.88 -4.68
C ARG A 7 -3.40 -9.73 -3.50
N SER A 8 -3.12 -8.76 -2.63
CA SER A 8 -4.04 -8.37 -1.56
C SER A 8 -5.00 -7.31 -2.04
N ILE A 9 -6.19 -7.26 -1.45
CA ILE A 9 -7.12 -6.14 -1.64
C ILE A 9 -6.49 -4.88 -1.05
N LEU A 10 -6.49 -3.80 -1.82
CA LEU A 10 -5.83 -2.57 -1.43
C LEU A 10 -6.85 -1.49 -1.07
N THR A 11 -6.67 -0.94 0.11
CA THR A 11 -7.46 0.19 0.58
C THR A 11 -6.44 1.15 1.17
N GLY A 12 -6.90 2.31 1.63
CA GLY A 12 -5.99 3.22 2.30
C GLY A 12 -6.55 4.55 2.71
N SER A 13 -5.63 5.51 2.88
CA SER A 13 -5.93 6.83 3.37
C SER A 13 -5.07 7.87 2.68
N PHE A 14 -5.70 8.98 2.28
CA PHE A 14 -4.98 10.19 1.87
C PHE A 14 -5.24 11.30 2.88
N SER A 15 -4.16 11.85 3.44
CA SER A 15 -4.23 12.94 4.41
C SER A 15 -2.85 13.53 4.70
N THR A 16 -2.81 14.71 5.30
CA THR A 16 -1.53 15.27 5.76
C THR A 16 -1.79 16.18 6.94
N PRO A 17 -1.09 15.96 8.07
CA PRO A 17 -0.16 14.84 8.25
C PRO A 17 -0.92 13.54 8.59
N CYS A 18 -0.29 12.38 8.43
CA CYS A 18 -0.95 11.08 8.64
C CYS A 18 -0.38 10.22 9.81
N ALA A 19 0.71 10.67 10.41
CA ALA A 19 1.45 9.88 11.41
C ALA A 19 0.66 9.52 12.68
N ASP A 20 -0.23 10.40 13.10
CA ASP A 20 -1.05 10.18 14.30
C ASP A 20 -2.39 9.46 14.09
N ASN A 21 -2.74 9.15 12.83
CA ASN A 21 -4.03 8.55 12.51
C ASN A 21 -3.94 7.03 12.69
N PRO A 22 -4.67 6.48 13.68
CA PRO A 22 -4.48 5.06 13.98
C PRO A 22 -5.43 4.13 13.21
N THR A 23 -6.16 4.68 12.23
CA THR A 23 -7.12 3.93 11.40
C THR A 23 -6.45 2.70 10.78
N VAL A 24 -5.25 2.88 10.25
CA VAL A 24 -4.47 1.74 9.67
C VAL A 24 -4.44 0.52 10.63
N ALA A 25 -4.08 0.76 11.89
CA ALA A 25 -3.90 -0.33 12.86
C ALA A 25 -5.22 -1.00 13.22
N MET A 26 -6.23 -0.19 13.50
CA MET A 26 -7.57 -0.66 13.77
C MET A 26 -8.15 -1.50 12.62
N VAL A 27 -8.16 -0.93 11.39
CA VAL A 27 -8.74 -1.58 10.23
C VAL A 27 -8.01 -2.88 9.93
N GLU A 28 -6.67 -2.80 9.93
CA GLU A 28 -5.87 -4.01 9.62
C GLU A 28 -5.96 -5.12 10.68
N ALA A 29 -6.27 -4.76 11.92
CA ALA A 29 -6.52 -5.74 12.95
C ALA A 29 -7.81 -6.51 12.60
N GLY A 30 -8.83 -5.76 12.15
CA GLY A 30 -10.06 -6.35 11.60
C GLY A 30 -9.86 -7.26 10.39
N TYR A 31 -9.16 -6.75 9.38
CA TYR A 31 -8.74 -7.54 8.21
C TYR A 31 -8.07 -8.86 8.62
N HIS A 32 -7.01 -8.76 9.45
CA HIS A 32 -6.24 -9.93 9.92
C HIS A 32 -7.12 -10.95 10.65
N HIS A 33 -7.99 -10.47 11.53
CA HIS A 33 -8.87 -11.31 12.35
C HIS A 33 -9.95 -12.00 11.53
N ALA A 34 -10.46 -11.33 10.50
CA ALA A 34 -11.46 -11.88 9.59
C ALA A 34 -10.87 -12.90 8.60
N GLY A 35 -9.55 -12.94 8.48
CA GLY A 35 -8.86 -13.79 7.51
C GLY A 35 -8.88 -13.23 6.10
N LEU A 36 -9.03 -11.91 6.01
CA LEU A 36 -9.14 -11.19 4.77
C LEU A 36 -7.77 -10.71 4.31
N ASP A 37 -7.40 -11.10 3.10
CA ASP A 37 -6.16 -10.62 2.50
C ASP A 37 -6.37 -9.20 1.92
N ALA A 38 -6.47 -8.26 2.84
CA ALA A 38 -6.72 -6.87 2.52
C ALA A 38 -5.76 -6.02 3.33
N ARG A 39 -5.35 -4.89 2.75
CA ARG A 39 -4.41 -3.99 3.40
C ARG A 39 -4.95 -2.56 3.36
N TYR A 40 -4.52 -1.79 4.36
CA TYR A 40 -4.89 -0.38 4.46
C TYR A 40 -3.62 0.45 4.47
N ILE A 41 -3.49 1.30 3.47
CA ILE A 41 -2.24 2.03 3.18
C ILE A 41 -2.41 3.48 3.58
N ASN A 42 -1.74 3.85 4.68
CA ASN A 42 -1.80 5.19 5.23
C ASN A 42 -0.79 6.10 4.51
N CYS A 43 -1.29 6.97 3.63
CA CYS A 43 -0.44 7.81 2.79
C CYS A 43 -0.44 9.25 3.23
N ASP A 44 0.74 9.87 3.26
CA ASP A 44 0.80 11.31 3.45
C ASP A 44 0.78 12.01 2.09
N VAL A 45 -0.32 12.70 1.82
CA VAL A 45 -0.59 13.25 0.50
C VAL A 45 -0.82 14.74 0.66
N LYS A 46 0.07 15.54 0.10
CA LYS A 46 -0.09 17.01 0.11
C LYS A 46 -1.23 17.38 -0.84
N ALA A 47 -1.80 18.58 -0.66
CA ALA A 47 -2.85 19.11 -1.54
C ALA A 47 -2.47 19.12 -3.04
N SER A 48 -1.23 19.48 -3.34
CA SER A 48 -0.71 19.35 -4.71
C SER A 48 -0.78 17.93 -5.29
N GLY A 49 -0.80 16.92 -4.41
CA GLY A 49 -0.83 15.52 -4.85
C GLY A 49 -2.17 14.79 -4.81
N LEU A 50 -3.22 15.46 -4.32
CA LEU A 50 -4.53 14.83 -4.18
C LEU A 50 -5.09 14.27 -5.47
N ALA A 51 -5.07 15.05 -6.56
CA ALA A 51 -5.58 14.59 -7.85
C ALA A 51 -4.86 13.30 -8.29
N ASP A 52 -3.53 13.32 -8.30
CA ASP A 52 -2.76 12.12 -8.73
C ASP A 52 -2.88 10.94 -7.75
N ALA A 53 -3.12 11.23 -6.49
CA ALA A 53 -3.31 10.16 -5.51
C ALA A 53 -4.60 9.41 -5.79
N VAL A 54 -5.69 10.16 -6.04
CA VAL A 54 -7.00 9.58 -6.37
C VAL A 54 -6.93 8.75 -7.66
N LYS A 55 -6.35 9.32 -8.71
CA LYS A 55 -6.16 8.61 -9.98
C LYS A 55 -5.15 7.48 -9.85
N GLY A 56 -4.20 7.65 -8.93
CA GLY A 56 -3.27 6.61 -8.51
C GLY A 56 -3.95 5.39 -7.90
N ALA A 57 -4.89 5.61 -6.97
CA ALA A 57 -5.65 4.49 -6.37
C ALA A 57 -6.48 3.73 -7.41
N LYS A 58 -7.01 4.45 -8.40
CA LYS A 58 -7.79 3.84 -9.45
C LYS A 58 -6.90 2.92 -10.28
N ALA A 59 -5.77 3.47 -10.75
CA ALA A 59 -4.82 2.74 -11.61
C ALA A 59 -4.13 1.56 -10.89
N MET A 60 -3.99 1.67 -9.59
CA MET A 60 -3.42 0.62 -8.76
C MET A 60 -4.49 -0.37 -8.35
N GLU A 61 -5.71 -0.10 -8.81
CA GLU A 61 -6.89 -0.97 -8.63
C GLU A 61 -7.25 -1.23 -7.15
N TRP A 62 -7.09 -0.18 -6.35
CA TRP A 62 -7.63 -0.10 -4.99
C TRP A 62 -9.17 -0.17 -5.06
N VAL A 63 -9.79 -0.68 -4.00
CA VAL A 63 -11.27 -0.76 -3.96
C VAL A 63 -11.89 0.41 -3.20
N GLY A 64 -11.04 1.19 -2.54
CA GLY A 64 -11.50 2.36 -1.77
C GLY A 64 -10.42 2.99 -0.92
N PHE A 65 -10.74 4.18 -0.39
CA PHE A 65 -9.82 4.93 0.44
C PHE A 65 -10.57 5.95 1.27
N ASN A 66 -9.97 6.34 2.39
CA ASN A 66 -10.46 7.41 3.23
C ASN A 66 -9.71 8.67 2.85
N CYS A 67 -10.32 9.82 3.14
CA CYS A 67 -9.68 11.13 3.09
C CYS A 67 -9.92 11.82 4.39
N SER A 68 -8.84 12.36 4.98
CA SER A 68 -8.96 13.22 6.13
C SER A 68 -8.43 14.60 5.76
N LEU A 69 -8.22 15.45 6.77
CA LEU A 69 -7.62 16.78 6.59
C LEU A 69 -6.32 16.65 5.79
N PRO A 70 -6.15 17.45 4.72
CA PRO A 70 -7.05 18.55 4.38
C PRO A 70 -7.84 18.33 3.07
N HIS A 71 -8.29 17.09 2.85
CA HIS A 71 -8.80 16.66 1.54
C HIS A 71 -10.33 16.48 1.41
N LYS A 72 -11.04 16.60 2.52
CA LYS A 72 -12.48 16.23 2.61
C LYS A 72 -13.37 16.99 1.62
N VAL A 73 -13.06 18.26 1.39
CA VAL A 73 -13.81 19.06 0.43
C VAL A 73 -13.15 19.01 -0.94
N ALA A 74 -11.84 19.22 -1.00
CA ALA A 74 -11.06 19.20 -2.24
C ALA A 74 -11.27 17.96 -3.10
N VAL A 75 -11.47 16.79 -2.47
CA VAL A 75 -11.69 15.51 -3.17
C VAL A 75 -12.95 15.48 -4.06
N LEU A 76 -13.94 16.31 -3.75
CA LEU A 76 -15.23 16.28 -4.46
C LEU A 76 -15.07 16.44 -5.98
N ASP A 77 -14.16 17.31 -6.40
CA ASP A 77 -13.85 17.55 -7.81
C ASP A 77 -13.27 16.34 -8.57
N HIS A 78 -12.78 15.35 -7.84
CA HIS A 78 -12.18 14.16 -8.46
C HIS A 78 -13.14 12.96 -8.48
N LEU A 79 -14.39 13.18 -8.05
CA LEU A 79 -15.39 12.10 -7.90
C LEU A 79 -16.35 11.99 -9.08
N ASP A 80 -16.93 10.81 -9.28
CA ASP A 80 -17.99 10.58 -10.28
C ASP A 80 -19.38 10.78 -9.72
N ASP A 81 -19.62 10.24 -8.51
CA ASP A 81 -20.93 10.26 -7.85
C ASP A 81 -20.72 10.49 -6.35
N ILE A 82 -21.80 10.76 -5.61
CA ILE A 82 -21.77 10.98 -4.16
C ILE A 82 -23.00 10.37 -3.50
N ALA A 83 -22.84 9.91 -2.27
CA ALA A 83 -23.95 9.36 -1.52
C ALA A 83 -24.72 10.52 -0.90
N GLU A 84 -25.94 10.26 -0.43
CA GLU A 84 -26.85 11.34 0.00
C GLU A 84 -26.31 12.20 1.14
N SER A 85 -25.82 11.58 2.22
CA SER A 85 -25.30 12.37 3.32
C SER A 85 -24.10 13.21 2.91
N ALA A 86 -23.18 12.62 2.13
CA ALA A 86 -22.00 13.32 1.66
C ALA A 86 -22.39 14.54 0.79
N ARG A 87 -23.46 14.39 0.02
CA ARG A 87 -24.01 15.47 -0.80
C ARG A 87 -24.47 16.69 0.06
N LEU A 88 -25.22 16.39 1.11
CA LEU A 88 -25.72 17.43 2.03
C LEU A 88 -24.60 18.06 2.89
N ILE A 89 -23.61 17.27 3.30
CA ILE A 89 -22.53 17.74 4.16
C ILE A 89 -21.55 18.62 3.37
N GLY A 90 -21.32 18.24 2.11
CA GLY A 90 -20.42 18.98 1.22
C GLY A 90 -18.98 18.55 1.45
N ALA A 91 -18.80 17.34 1.98
CA ALA A 91 -17.48 16.78 2.29
C ALA A 91 -17.51 15.25 2.26
N VAL A 92 -16.39 14.65 1.83
CA VAL A 92 -16.27 13.21 1.64
C VAL A 92 -15.04 12.69 2.42
N ASN A 93 -15.21 11.60 3.16
CA ASN A 93 -14.10 10.97 3.88
C ASN A 93 -13.90 9.48 3.56
N CYS A 94 -14.76 8.95 2.69
CA CYS A 94 -14.76 7.55 2.36
C CYS A 94 -15.18 7.40 0.90
N VAL A 95 -14.26 6.92 0.07
CA VAL A 95 -14.50 6.80 -1.37
C VAL A 95 -14.39 5.33 -1.71
N ALA A 96 -15.39 4.83 -2.43
CA ALA A 96 -15.30 3.47 -2.96
C ALA A 96 -14.98 3.58 -4.44
N ILE A 97 -14.11 2.69 -4.89
CA ILE A 97 -13.80 2.55 -6.32
C ILE A 97 -14.52 1.27 -6.77
N ARG A 98 -15.50 1.45 -7.66
CA ARG A 98 -16.32 0.35 -8.18
C ARG A 98 -16.22 0.28 -9.69
N GLU A 99 -15.54 -0.77 -10.19
CA GLU A 99 -15.23 -0.89 -11.63
C GLU A 99 -14.74 0.43 -12.24
N GLY A 100 -13.87 1.14 -11.52
CA GLY A 100 -13.30 2.41 -12.01
C GLY A 100 -14.05 3.67 -11.63
N LYS A 101 -15.27 3.50 -11.11
CA LYS A 101 -16.14 4.61 -10.71
C LYS A 101 -15.84 5.02 -9.27
N LEU A 102 -15.67 6.33 -9.07
CA LEU A 102 -15.38 6.89 -7.75
C LEU A 102 -16.66 7.45 -7.12
N ILE A 103 -17.03 6.87 -5.97
CA ILE A 103 -18.27 7.24 -5.29
C ILE A 103 -17.93 7.79 -3.91
N GLY A 104 -18.29 9.04 -3.67
CA GLY A 104 -17.96 9.70 -2.39
C GLY A 104 -18.98 9.46 -1.29
N HIS A 105 -18.50 9.00 -0.13
CA HIS A 105 -19.33 8.86 1.07
C HIS A 105 -18.78 9.71 2.23
N ASN A 106 -19.67 10.09 3.14
CA ASN A 106 -19.27 10.67 4.41
C ASN A 106 -19.68 9.81 5.64
N THR A 107 -18.69 9.29 6.36
CA THR A 107 -18.97 8.43 7.53
C THR A 107 -18.84 9.14 8.88
N ASP A 108 -18.46 10.42 8.87
CA ASP A 108 -18.21 11.20 10.09
C ASP A 108 -19.33 11.19 11.12
N GLY A 109 -20.58 11.20 10.63
CA GLY A 109 -21.74 11.06 11.50
C GLY A 109 -22.38 9.67 11.52
N LYS A 110 -21.87 8.75 10.71
CA LYS A 110 -22.43 7.40 10.61
C LYS A 110 -21.93 6.48 11.72
N GLY A 111 -20.69 6.72 12.18
CA GLY A 111 -20.15 6.04 13.37
C GLY A 111 -21.06 6.32 14.56
N PHE A 112 -21.32 7.60 14.81
CA PHE A 112 -22.28 8.02 15.82
C PHE A 112 -23.62 7.29 15.70
N LEU A 113 -24.20 7.31 14.49
CA LEU A 113 -25.51 6.73 14.25
C LEU A 113 -25.56 5.24 14.54
N ALA A 114 -24.53 4.50 14.10
CA ALA A 114 -24.41 3.09 14.41
C ALA A 114 -24.39 2.87 15.95
N SER A 115 -23.56 3.64 16.64
CA SER A 115 -23.48 3.62 18.11
C SER A 115 -24.82 3.96 18.74
N LEU A 116 -25.49 5.00 18.22
CA LEU A 116 -26.82 5.39 18.73
C LEU A 116 -27.79 4.20 18.66
N LYS A 117 -27.89 3.61 17.47
CA LYS A 117 -28.82 2.52 17.20
C LYS A 117 -28.71 1.29 18.10
N THR A 118 -27.55 1.08 18.73
CA THR A 118 -27.40 0.00 19.73
C THR A 118 -28.27 0.24 20.97
N VAL A 119 -28.55 1.51 21.27
CA VAL A 119 -29.36 1.87 22.44
C VAL A 119 -30.79 2.39 22.11
N THR A 120 -30.94 3.14 21.02
CA THR A 120 -32.22 3.75 20.67
C THR A 120 -32.33 4.11 19.17
N SER A 121 -33.57 4.18 18.66
CA SER A 121 -33.79 4.66 17.31
C SER A 121 -33.64 6.19 17.23
N PRO A 122 -33.03 6.70 16.14
CA PRO A 122 -33.03 8.15 15.94
C PRO A 122 -34.38 8.69 15.46
N ALA A 123 -35.17 7.84 14.81
CA ALA A 123 -36.36 8.27 14.08
C ALA A 123 -37.42 8.85 15.00
N GLY A 124 -37.89 10.05 14.65
CA GLY A 124 -38.96 10.72 15.38
C GLY A 124 -38.52 11.32 16.71
N LYS A 125 -37.22 11.32 16.96
CA LYS A 125 -36.67 11.78 18.23
C LYS A 125 -36.24 13.25 18.17
N ARG A 126 -36.16 13.86 19.35
CA ARG A 126 -35.72 15.24 19.50
C ARG A 126 -34.29 15.23 20.01
N VAL A 127 -33.41 15.99 19.33
CA VAL A 127 -31.96 15.87 19.53
C VAL A 127 -31.33 17.24 19.77
N VAL A 128 -30.37 17.30 20.69
CA VAL A 128 -29.52 18.48 20.87
C VAL A 128 -28.06 18.11 20.58
N ILE A 129 -27.40 18.93 19.77
CA ILE A 129 -25.98 18.78 19.45
C ILE A 129 -25.26 20.01 19.97
N LEU A 130 -24.22 19.79 20.76
CA LEU A 130 -23.35 20.86 21.21
C LEU A 130 -22.21 21.02 20.22
N GLY A 131 -22.11 22.21 19.62
CA GLY A 131 -21.08 22.52 18.64
C GLY A 131 -21.70 22.70 17.28
N ALA A 132 -20.97 23.38 16.39
CA ALA A 132 -21.39 23.65 15.03
C ALA A 132 -20.23 23.58 14.03
N GLY A 133 -19.28 22.69 14.30
CA GLY A 133 -18.19 22.44 13.37
C GLY A 133 -18.53 21.30 12.43
N GLY A 134 -17.49 20.78 11.79
CA GLY A 134 -17.62 19.66 10.87
C GLY A 134 -18.29 18.42 11.45
N ALA A 135 -17.98 18.05 12.70
CA ALA A 135 -18.62 16.87 13.32
C ALA A 135 -20.11 17.09 13.61
N ALA A 136 -20.45 18.26 14.12
CA ALA A 136 -21.84 18.58 14.39
C ALA A 136 -22.66 18.60 13.09
N ARG A 137 -22.08 19.16 12.03
CA ARG A 137 -22.76 19.21 10.73
C ARG A 137 -23.02 17.82 10.17
N ALA A 138 -22.01 16.94 10.19
CA ALA A 138 -22.19 15.57 9.74
C ALA A 138 -23.23 14.81 10.56
N ILE A 139 -23.19 14.95 11.89
CA ILE A 139 -24.12 14.23 12.77
C ILE A 139 -25.58 14.72 12.58
N ALA A 140 -25.76 16.03 12.48
CA ALA A 140 -27.10 16.62 12.17
C ALA A 140 -27.70 16.03 10.88
N VAL A 141 -26.87 15.96 9.83
CA VAL A 141 -27.33 15.44 8.52
C VAL A 141 -27.70 13.96 8.64
N GLU A 142 -26.87 13.15 9.28
CA GLU A 142 -27.18 11.71 9.41
C GLU A 142 -28.47 11.50 10.20
N LEU A 143 -28.61 12.21 11.32
CA LEU A 143 -29.83 12.15 12.15
C LEU A 143 -31.09 12.47 11.36
N ALA A 144 -31.06 13.59 10.64
CA ALA A 144 -32.16 14.03 9.75
C ALA A 144 -32.55 12.97 8.72
N LEU A 145 -31.55 12.36 8.07
CA LEU A 145 -31.78 11.33 7.07
C LEU A 145 -32.25 9.99 7.66
N ALA A 146 -31.92 9.73 8.92
CA ALA A 146 -32.36 8.52 9.65
C ALA A 146 -33.68 8.75 10.40
N GLY A 147 -34.32 9.89 10.14
CA GLY A 147 -35.70 10.11 10.57
C GLY A 147 -35.96 10.98 11.79
N ALA A 148 -34.91 11.62 12.32
CA ALA A 148 -35.05 12.52 13.48
C ALA A 148 -36.12 13.57 13.25
N ALA A 149 -36.94 13.81 14.27
CA ALA A 149 -37.99 14.85 14.22
C ALA A 149 -37.38 16.26 14.34
N HIS A 150 -36.53 16.45 15.33
CA HIS A 150 -36.08 17.78 15.72
C HIS A 150 -34.62 17.78 16.12
N ILE A 151 -33.87 18.72 15.57
CA ILE A 151 -32.44 18.83 15.84
C ILE A 151 -32.10 20.26 16.26
N THR A 152 -31.66 20.41 17.50
CA THR A 152 -31.18 21.70 18.00
C THR A 152 -29.66 21.77 18.06
N ILE A 153 -29.09 22.79 17.42
CA ILE A 153 -27.64 22.98 17.35
C ILE A 153 -27.27 24.12 18.30
N VAL A 154 -26.42 23.83 19.28
CA VAL A 154 -26.03 24.82 20.28
C VAL A 154 -24.57 25.16 20.10
N ASN A 155 -24.30 26.45 19.90
CA ASN A 155 -22.94 26.93 19.63
C ASN A 155 -22.68 28.28 20.23
N ARG A 156 -21.43 28.47 20.65
CA ARG A 156 -20.92 29.75 21.16
C ARG A 156 -21.10 30.83 20.10
N ASP A 157 -20.63 30.56 18.89
CA ASP A 157 -20.90 31.39 17.70
C ASP A 157 -22.24 30.96 17.10
N ALA A 158 -23.31 31.66 17.49
CA ALA A 158 -24.70 31.31 17.10
C ALA A 158 -24.95 31.27 15.58
N SER A 159 -24.22 32.10 14.83
CA SER A 159 -24.34 32.14 13.37
C SER A 159 -23.82 30.84 12.70
N LYS A 160 -22.85 30.18 13.33
CA LYS A 160 -22.38 28.85 12.88
C LYS A 160 -23.46 27.80 13.10
N ALA A 161 -24.21 27.94 14.21
CA ALA A 161 -25.33 27.09 14.56
C ALA A 161 -26.50 27.26 13.59
N GLU A 162 -26.72 28.51 13.19
CA GLU A 162 -27.76 28.92 12.23
C GLU A 162 -27.59 28.23 10.87
N THR A 163 -26.34 28.19 10.42
CA THR A 163 -25.96 27.56 9.15
C THR A 163 -26.45 26.11 9.11
N ILE A 164 -26.10 25.34 10.13
CA ILE A 164 -26.58 23.95 10.23
C ILE A 164 -28.10 23.83 10.38
N ALA A 165 -28.72 24.67 11.22
CA ALA A 165 -30.20 24.68 11.37
C ALA A 165 -30.96 24.86 10.07
N ALA A 166 -30.49 25.82 9.28
CA ALA A 166 -31.03 26.13 7.96
C ALA A 166 -30.80 25.00 6.97
N LEU A 167 -29.63 24.36 7.03
CA LEU A 167 -29.38 23.17 6.20
C LEU A 167 -30.40 22.06 6.52
N ILE A 168 -30.71 21.88 7.81
CA ILE A 168 -31.64 20.83 8.22
C ILE A 168 -33.07 21.17 7.83
N ASN A 169 -33.45 22.44 8.02
CA ASN A 169 -34.79 22.94 7.71
C ASN A 169 -35.11 22.91 6.22
N ASP A 170 -34.19 23.43 5.42
CA ASP A 170 -34.41 23.64 4.01
C ASP A 170 -34.17 22.38 3.18
N LYS A 171 -33.13 21.63 3.50
CA LYS A 171 -32.70 20.50 2.66
C LYS A 171 -32.98 19.09 3.21
N THR A 172 -33.65 18.99 4.36
CA THR A 172 -34.04 17.68 4.91
C THR A 172 -35.49 17.71 5.39
N GLU A 173 -36.01 16.54 5.78
CA GLU A 173 -37.36 16.41 6.33
C GLU A 173 -37.44 16.79 7.83
N ALA A 174 -36.29 16.91 8.51
CA ALA A 174 -36.23 17.28 9.93
C ALA A 174 -36.38 18.78 10.16
N THR A 175 -36.84 19.15 11.36
CA THR A 175 -36.87 20.54 11.81
C THR A 175 -35.54 20.89 12.48
N GLY A 176 -34.96 22.01 12.07
CA GLY A 176 -33.71 22.50 12.62
C GLY A 176 -33.86 23.77 13.42
N GLU A 177 -33.21 23.81 14.58
CA GLU A 177 -33.20 24.97 15.47
C GLU A 177 -31.76 25.31 15.86
N ALA A 178 -31.48 26.61 15.95
CA ALA A 178 -30.20 27.13 16.41
C ALA A 178 -30.40 27.89 17.72
N GLN A 179 -29.48 27.67 18.65
CA GLN A 179 -29.46 28.37 19.95
C GLN A 179 -28.06 28.86 20.30
N ALA A 180 -28.01 30.00 20.98
CA ALA A 180 -26.75 30.51 21.55
C ALA A 180 -26.37 29.69 22.79
N TRP A 181 -25.07 29.65 23.10
CA TRP A 181 -24.59 28.93 24.30
C TRP A 181 -24.36 29.88 25.48
N SER A 182 -25.47 30.33 26.07
CA SER A 182 -25.47 31.25 27.20
C SER A 182 -24.96 30.59 28.49
N GLY A 183 -23.66 30.78 28.76
CA GLY A 183 -23.01 30.23 29.94
C GLY A 183 -23.28 28.75 30.14
N LYS A 184 -24.07 28.43 31.17
CA LYS A 184 -24.41 27.03 31.45
C LYS A 184 -25.68 26.68 30.69
N PHE A 185 -25.58 25.66 29.83
CA PHE A 185 -26.69 25.24 28.99
C PHE A 185 -27.63 24.29 29.74
N SER A 186 -28.92 24.61 29.66
CA SER A 186 -29.99 23.78 30.18
C SER A 186 -30.62 23.04 28.99
N LEU A 187 -30.73 21.72 29.13
CA LEU A 187 -31.30 20.87 28.09
C LEU A 187 -32.80 21.16 27.97
N PRO A 188 -33.26 21.55 26.76
CA PRO A 188 -34.69 21.79 26.52
C PRO A 188 -35.53 20.57 26.88
N THR A 189 -36.62 20.82 27.60
CA THR A 189 -37.50 19.75 28.05
C THR A 189 -37.90 18.82 26.90
N GLY A 190 -37.95 17.53 27.19
CA GLY A 190 -38.32 16.55 26.18
C GLY A 190 -37.21 16.06 25.23
N THR A 191 -35.99 16.56 25.38
CA THR A 191 -34.87 16.13 24.52
C THR A 191 -34.56 14.64 24.76
N ASP A 192 -34.55 13.85 23.69
CA ASP A 192 -34.25 12.43 23.75
C ASP A 192 -32.75 12.13 23.81
N ILE A 193 -31.98 12.90 23.05
CA ILE A 193 -30.57 12.60 22.84
C ILE A 193 -29.79 13.89 22.90
N LEU A 194 -28.70 13.86 23.68
CA LEU A 194 -27.77 14.98 23.75
C LEU A 194 -26.39 14.51 23.29
N ILE A 195 -25.79 15.30 22.40
CA ILE A 195 -24.50 14.92 21.81
C ILE A 195 -23.48 16.03 21.96
N ASN A 196 -22.34 15.73 22.58
CA ASN A 196 -21.23 16.63 22.48
C ASN A 196 -20.52 16.42 21.16
N ALA A 197 -20.47 17.49 20.35
CA ALA A 197 -19.71 17.51 19.09
C ALA A 197 -18.70 18.65 19.02
N THR A 198 -18.44 19.28 20.18
CA THR A 198 -17.31 20.20 20.36
C THR A 198 -16.02 19.39 20.55
N SER A 199 -14.88 20.09 20.55
CA SER A 199 -13.56 19.49 20.86
C SER A 199 -13.21 19.51 22.37
N ILE A 200 -14.13 20.04 23.20
CA ILE A 200 -13.94 20.05 24.66
C ILE A 200 -13.76 18.60 25.14
N GLY A 201 -12.68 18.35 25.88
CA GLY A 201 -12.41 17.02 26.43
C GLY A 201 -11.47 16.16 25.58
N LEU A 202 -11.01 16.70 24.44
CA LEU A 202 -10.03 15.99 23.59
C LEU A 202 -8.66 15.90 24.25
N GLY A 203 -8.26 14.69 24.63
CA GLY A 203 -7.02 14.43 25.37
C GLY A 203 -7.03 15.04 26.77
N ASP A 204 -8.24 15.32 27.27
CA ASP A 204 -8.42 16.01 28.54
C ASP A 204 -9.57 15.31 29.26
N PRO A 205 -9.25 14.53 30.32
CA PRO A 205 -10.33 13.81 30.99
C PRO A 205 -11.09 14.69 32.00
N ASN A 206 -10.70 15.96 32.12
CA ASN A 206 -11.28 16.87 33.13
C ASN A 206 -12.19 17.98 32.59
N ALA A 207 -11.89 18.48 31.38
CA ALA A 207 -12.69 19.57 30.78
C ALA A 207 -14.06 19.07 30.29
N ALA A 208 -15.11 19.81 30.62
CA ALA A 208 -16.48 19.43 30.30
C ALA A 208 -17.27 20.56 29.62
N PRO A 209 -18.20 20.23 28.70
CA PRO A 209 -19.08 21.26 28.13
C PRO A 209 -19.89 21.97 29.21
N PRO A 210 -20.01 23.32 29.14
CA PRO A 210 -20.82 24.03 30.14
C PRO A 210 -22.32 23.70 30.02
N VAL A 211 -22.72 22.63 30.68
CA VAL A 211 -24.14 22.24 30.70
C VAL A 211 -24.63 21.94 32.12
N GLU A 212 -25.84 22.42 32.41
CA GLU A 212 -26.60 22.04 33.59
C GLU A 212 -26.94 20.57 33.48
N MET A 213 -26.12 19.73 34.12
CA MET A 213 -26.28 18.28 34.05
C MET A 213 -27.57 17.81 34.75
N GLY A 214 -28.04 18.59 35.72
CA GLY A 214 -29.34 18.35 36.37
C GLY A 214 -30.54 18.43 35.45
N SER A 215 -30.38 19.07 34.29
CA SER A 215 -31.44 19.13 33.28
C SER A 215 -31.69 17.78 32.57
N LEU A 216 -30.73 16.85 32.61
CA LEU A 216 -30.90 15.57 31.94
C LEU A 216 -31.76 14.62 32.77
N THR A 217 -32.52 13.76 32.09
CA THR A 217 -33.27 12.69 32.71
C THR A 217 -32.44 11.42 32.64
N LYS A 218 -32.73 10.46 33.52
CA LYS A 218 -32.13 9.12 33.46
C LYS A 218 -32.29 8.48 32.08
N GLU A 219 -33.35 8.86 31.37
CA GLU A 219 -33.70 8.29 30.06
C GLU A 219 -33.04 9.01 28.88
N THR A 220 -32.48 10.20 29.11
CA THR A 220 -31.74 10.95 28.08
C THR A 220 -30.49 10.15 27.66
N VAL A 221 -30.37 9.88 26.36
CA VAL A 221 -29.17 9.23 25.83
C VAL A 221 -28.11 10.32 25.61
N VAL A 222 -26.93 10.11 26.21
CA VAL A 222 -25.87 11.12 26.20
C VAL A 222 -24.66 10.56 25.44
N ALA A 223 -24.23 11.29 24.41
CA ALA A 223 -23.19 10.80 23.48
C ALA A 223 -22.09 11.84 23.33
N ASP A 224 -20.88 11.37 23.02
CA ASP A 224 -19.74 12.24 22.94
C ASP A 224 -18.83 11.78 21.80
N VAL A 225 -18.44 12.74 20.96
CA VAL A 225 -17.62 12.44 19.79
C VAL A 225 -16.18 12.12 20.13
N ILE A 226 -15.71 12.61 21.29
CA ILE A 226 -14.28 12.50 21.67
C ILE A 226 -13.80 11.04 21.73
N PRO A 227 -12.82 10.69 20.86
CA PRO A 227 -12.36 9.30 20.84
C PRO A 227 -11.40 8.97 22.00
N ASN A 228 -10.63 9.97 22.42
CA ASN A 228 -9.62 9.79 23.45
C ASN A 228 -9.54 11.05 24.32
N PRO A 229 -9.78 10.94 25.63
CA PRO A 229 -10.18 9.69 26.29
C PRO A 229 -11.66 9.34 26.03
N PRO A 230 -11.97 8.04 25.85
CA PRO A 230 -13.37 7.59 25.67
C PRO A 230 -14.31 8.07 26.80
N GLN A 231 -13.90 7.90 28.04
CA GLN A 231 -14.71 8.38 29.18
C GLN A 231 -14.37 9.82 29.52
N THR A 232 -14.92 10.76 28.77
CA THR A 232 -14.76 12.20 29.07
C THR A 232 -15.47 12.54 30.38
N ARG A 233 -15.17 13.71 30.95
CA ARG A 233 -15.85 14.22 32.15
C ARG A 233 -17.38 14.25 31.94
N PHE A 234 -17.79 14.75 30.77
CA PHE A 234 -19.19 14.78 30.30
C PHE A 234 -19.89 13.43 30.44
N LEU A 235 -19.29 12.36 29.91
CA LEU A 235 -19.88 11.02 29.99
C LEU A 235 -19.78 10.35 31.35
N LYS A 236 -18.73 10.68 32.10
CA LYS A 236 -18.58 10.19 33.48
C LYS A 236 -19.67 10.82 34.36
N ASP A 237 -19.91 12.12 34.18
CA ASP A 237 -20.99 12.81 34.91
C ASP A 237 -22.39 12.33 34.53
N ALA A 238 -22.68 12.22 33.23
CA ALA A 238 -23.94 11.65 32.75
C ALA A 238 -24.21 10.21 33.27
N LYS A 239 -23.20 9.34 33.20
CA LYS A 239 -23.30 7.97 33.75
C LYS A 239 -23.59 7.95 35.25
N ALA A 240 -22.93 8.84 36.00
CA ALA A 240 -23.17 9.02 37.46
C ALA A 240 -24.62 9.33 37.80
N LEU A 241 -25.29 10.06 36.90
CA LEU A 241 -26.73 10.37 37.01
C LEU A 241 -27.64 9.18 36.66
N GLY A 242 -27.06 8.19 35.96
CA GLY A 242 -27.80 7.02 35.53
C GLY A 242 -28.12 6.98 34.04
N CYS A 243 -27.57 7.92 33.27
CA CYS A 243 -27.82 7.99 31.83
C CYS A 243 -27.06 6.93 31.06
N THR A 244 -27.72 6.39 30.05
CA THR A 244 -27.07 5.55 29.05
C THR A 244 -26.17 6.47 28.21
N THR A 245 -24.90 6.08 28.07
CA THR A 245 -23.89 6.89 27.38
C THR A 245 -23.22 6.16 26.21
N LEU A 246 -22.69 6.95 25.28
CA LEU A 246 -22.03 6.45 24.07
C LEU A 246 -20.78 7.25 23.79
N ASP A 247 -19.65 6.54 23.68
CA ASP A 247 -18.34 7.18 23.61
C ASP A 247 -17.80 7.29 22.20
N GLY A 248 -16.88 8.24 21.99
CA GLY A 248 -16.36 8.54 20.66
C GLY A 248 -15.40 7.47 20.14
N LEU A 249 -14.87 6.63 21.03
CA LEU A 249 -14.03 5.47 20.61
C LEU A 249 -14.87 4.46 19.86
N GLY A 250 -16.05 4.11 20.40
CA GLY A 250 -17.00 3.21 19.73
C GLY A 250 -17.45 3.76 18.38
N MET A 251 -17.62 5.09 18.31
CA MET A 251 -17.99 5.80 17.07
C MET A 251 -16.94 5.67 15.97
N LEU A 252 -15.67 5.76 16.36
CA LEU A 252 -14.55 5.60 15.42
C LEU A 252 -14.47 4.16 14.89
N VAL A 253 -14.65 3.19 15.79
CA VAL A 253 -14.73 1.78 15.41
C VAL A 253 -15.83 1.57 14.37
N ASN A 254 -16.99 2.17 14.61
CA ASN A 254 -18.12 2.04 13.71
C ASN A 254 -17.90 2.66 12.34
N GLN A 255 -17.25 3.84 12.30
CA GLN A 255 -16.78 4.45 11.07
C GLN A 255 -15.90 3.52 10.26
N GLY A 256 -14.99 2.82 10.93
CA GLY A 256 -14.08 1.86 10.29
C GLY A 256 -14.82 0.64 9.78
N VAL A 257 -15.75 0.12 10.60
CA VAL A 257 -16.65 -0.96 10.16
C VAL A 257 -17.46 -0.53 8.93
N ILE A 258 -18.20 0.58 9.02
CA ILE A 258 -19.01 1.09 7.90
C ILE A 258 -18.20 1.31 6.62
N GLY A 259 -17.02 1.92 6.77
CA GLY A 259 -16.11 2.17 5.65
C GLY A 259 -15.73 0.91 4.90
N VAL A 260 -15.45 -0.16 5.64
CA VAL A 260 -15.03 -1.45 5.06
C VAL A 260 -16.25 -2.17 4.43
N GLU A 261 -17.44 -1.95 5.01
CA GLU A 261 -18.69 -2.43 4.42
C GLU A 261 -18.94 -1.76 3.08
N ILE A 262 -18.67 -0.45 3.02
CA ILE A 262 -18.74 0.32 1.78
C ILE A 262 -17.81 -0.30 0.72
N TRP A 263 -16.57 -0.58 1.13
CA TRP A 263 -15.55 -1.07 0.19
C TRP A 263 -15.64 -2.52 -0.23
N LEU A 264 -15.94 -3.41 0.72
CA LEU A 264 -15.80 -4.84 0.53
C LEU A 264 -17.06 -5.69 0.68
N GLY A 265 -18.11 -5.09 1.25
CA GLY A 265 -19.34 -5.78 1.56
C GLY A 265 -19.16 -6.80 2.66
N ARG A 266 -18.21 -6.51 3.53
CA ARG A 266 -17.87 -7.39 4.63
C ARG A 266 -17.91 -6.58 5.91
N THR A 267 -18.32 -7.23 6.99
CA THR A 267 -18.38 -6.59 8.30
C THR A 267 -17.29 -7.14 9.20
N LEU A 268 -16.36 -6.26 9.57
CA LEU A 268 -15.27 -6.62 10.48
C LEU A 268 -15.78 -6.68 11.92
N ASP A 269 -15.03 -7.39 12.77
CA ASP A 269 -15.38 -7.56 14.18
C ASP A 269 -15.09 -6.27 14.94
N SER A 270 -16.16 -5.64 15.42
CA SER A 270 -16.08 -4.40 16.18
C SER A 270 -15.28 -4.55 17.50
N ALA A 271 -15.36 -5.73 18.13
CA ALA A 271 -14.65 -6.01 19.39
C ALA A 271 -13.12 -6.01 19.21
N VAL A 272 -12.64 -6.70 18.17
CA VAL A 272 -11.24 -6.71 17.79
C VAL A 272 -10.74 -5.27 17.59
N MET A 273 -11.47 -4.51 16.79
CA MET A 273 -11.13 -3.13 16.43
C MET A 273 -11.13 -2.19 17.62
N ALA A 274 -12.14 -2.31 18.51
CA ALA A 274 -12.22 -1.54 19.76
C ALA A 274 -11.01 -1.80 20.68
N GLN A 275 -10.74 -3.07 20.96
CA GLN A 275 -9.56 -3.44 21.73
C GLN A 275 -8.28 -2.80 21.16
N THR A 276 -8.08 -2.93 19.85
CA THR A 276 -6.93 -2.32 19.14
C THR A 276 -6.81 -0.81 19.42
N LEU A 277 -7.91 -0.08 19.24
CA LEU A 277 -7.98 1.35 19.60
C LEU A 277 -7.71 1.64 21.07
N GLU A 278 -8.29 0.84 21.96
CA GLU A 278 -8.11 1.01 23.42
C GLU A 278 -6.63 0.82 23.81
N ASN A 279 -5.98 -0.20 23.21
CA ASN A 279 -4.54 -0.43 23.38
C ASN A 279 -3.67 0.74 22.90
N ILE A 280 -4.06 1.36 21.79
CA ILE A 280 -3.33 2.49 21.20
C ILE A 280 -3.50 3.77 22.01
N PHE A 281 -4.76 4.14 22.28
CA PHE A 281 -5.08 5.37 23.02
C PHE A 281 -4.58 5.40 24.47
N GLY A 282 -4.51 4.23 25.10
CA GLY A 282 -3.98 4.10 26.48
C GLY A 282 -2.49 4.35 26.61
N THR A 283 -2.03 5.40 25.92
CA THR A 283 -0.63 5.76 25.74
C THR A 283 -0.59 7.19 25.18
N GLY B 5 3.73 6.85 15.55
CA GLY B 5 3.76 7.27 14.12
C GLY B 5 3.27 6.19 13.19
N PHE B 6 2.08 6.41 12.60
CA PHE B 6 1.37 5.39 11.83
C PHE B 6 1.65 5.43 10.32
N ARG B 7 2.69 6.20 9.96
CA ARG B 7 3.13 6.30 8.59
C ARG B 7 4.27 5.29 8.37
N SER B 8 4.09 4.41 7.40
CA SER B 8 5.13 3.46 7.00
C SER B 8 5.77 3.96 5.75
N ILE B 9 7.08 3.74 5.62
CA ILE B 9 7.77 4.00 4.36
C ILE B 9 7.07 3.13 3.32
N LEU B 10 6.82 3.68 2.14
CA LEU B 10 6.08 2.96 1.10
C LEU B 10 6.90 2.59 -0.11
N THR B 11 6.89 1.29 -0.39
CA THR B 11 7.44 0.76 -1.65
C THR B 11 6.39 -0.07 -2.36
N GLY B 12 6.71 -0.63 -3.53
CA GLY B 12 5.73 -1.43 -4.22
C GLY B 12 6.10 -2.00 -5.57
N SER B 13 5.09 -2.54 -6.24
CA SER B 13 5.28 -3.14 -7.57
C SER B 13 4.09 -2.83 -8.48
N PHE B 14 4.40 -2.51 -9.74
CA PHE B 14 3.42 -2.40 -10.81
C PHE B 14 3.73 -3.49 -11.82
N SER B 15 2.73 -4.34 -12.08
CA SER B 15 2.81 -5.42 -13.08
C SER B 15 1.39 -5.95 -13.37
N THR B 16 1.26 -6.79 -14.41
CA THR B 16 0.03 -7.59 -14.61
C THR B 16 0.28 -8.85 -15.44
N PRO B 17 -0.16 -10.02 -14.96
CA PRO B 17 -0.79 -10.20 -13.63
C PRO B 17 0.24 -10.15 -12.49
N CYS B 18 -0.19 -9.86 -11.26
CA CYS B 18 0.74 -9.73 -10.12
C CYS B 18 0.61 -10.82 -9.04
N ALA B 19 -0.45 -11.64 -9.15
CA ALA B 19 -0.80 -12.64 -8.11
C ALA B 19 0.26 -13.71 -7.85
N ASP B 20 1.02 -14.06 -8.89
CA ASP B 20 2.10 -15.02 -8.77
C ASP B 20 3.45 -14.44 -8.37
N ASN B 21 3.52 -13.12 -8.17
CA ASN B 21 4.80 -12.46 -7.82
C ASN B 21 5.09 -12.46 -6.31
N PRO B 22 6.12 -13.21 -5.89
CA PRO B 22 6.32 -13.44 -4.45
C PRO B 22 7.17 -12.37 -3.75
N THR B 23 7.54 -11.33 -4.51
CA THR B 23 8.48 -10.29 -4.08
C THR B 23 7.95 -9.63 -2.81
N VAL B 24 6.65 -9.34 -2.75
CA VAL B 24 6.05 -8.77 -1.53
C VAL B 24 6.41 -9.58 -0.26
N ALA B 25 6.28 -10.90 -0.32
CA ALA B 25 6.49 -11.72 0.87
C ALA B 25 7.96 -11.70 1.30
N MET B 26 8.88 -11.86 0.35
CA MET B 26 10.29 -11.85 0.70
C MET B 26 10.78 -10.46 1.15
N VAL B 27 10.39 -9.40 0.45
CA VAL B 27 10.81 -8.02 0.82
C VAL B 27 10.25 -7.66 2.20
N GLU B 28 9.00 -8.03 2.47
CA GLU B 28 8.41 -7.71 3.77
C GLU B 28 8.97 -8.56 4.93
N ALA B 29 9.39 -9.78 4.64
CA ALA B 29 10.15 -10.59 5.61
C ALA B 29 11.49 -9.92 5.93
N GLY B 30 12.12 -9.35 4.90
CA GLY B 30 13.32 -8.49 5.02
C GLY B 30 13.09 -7.27 5.90
N TYR B 31 12.06 -6.48 5.59
CA TYR B 31 11.64 -5.33 6.39
C TYR B 31 11.46 -5.67 7.88
N HIS B 32 10.68 -6.71 8.15
CA HIS B 32 10.39 -7.20 9.52
C HIS B 32 11.61 -7.62 10.35
N HIS B 33 12.48 -8.44 9.76
CA HIS B 33 13.75 -8.89 10.36
C HIS B 33 14.67 -7.72 10.67
N ALA B 34 14.68 -6.73 9.77
CA ALA B 34 15.51 -5.55 9.89
C ALA B 34 14.85 -4.48 10.75
N GLY B 35 13.61 -4.75 11.19
CA GLY B 35 12.84 -3.85 12.04
C GLY B 35 12.56 -2.50 11.40
N LEU B 36 12.34 -2.50 10.08
CA LEU B 36 12.01 -1.29 9.32
C LEU B 36 10.51 -1.18 9.14
N ASP B 37 9.95 -0.05 9.55
CA ASP B 37 8.55 0.25 9.30
C ASP B 37 8.34 0.73 7.85
N ALA B 38 8.24 -0.25 6.96
CA ALA B 38 8.17 -0.04 5.52
C ALA B 38 7.28 -1.12 4.95
N ARG B 39 6.58 -0.80 3.86
CA ARG B 39 5.68 -1.76 3.24
C ARG B 39 5.99 -1.91 1.75
N TYR B 40 5.70 -3.10 1.23
CA TYR B 40 5.81 -3.36 -0.21
C TYR B 40 4.44 -3.67 -0.77
N ILE B 41 3.96 -2.80 -1.65
CA ILE B 41 2.58 -2.87 -2.14
C ILE B 41 2.50 -3.45 -3.55
N ASN B 42 2.08 -4.72 -3.62
CA ASN B 42 1.92 -5.44 -4.89
C ASN B 42 0.64 -5.07 -5.67
N CYS B 43 0.79 -4.22 -6.70
CA CYS B 43 -0.36 -3.72 -7.48
C CYS B 43 -0.50 -4.36 -8.86
N ASP B 44 -1.74 -4.74 -9.18
CA ASP B 44 -2.06 -5.17 -10.53
C ASP B 44 -2.36 -3.93 -11.37
N VAL B 45 -1.43 -3.60 -12.26
CA VAL B 45 -1.50 -2.38 -13.06
C VAL B 45 -1.54 -2.75 -14.54
N LYS B 46 -2.59 -2.29 -15.22
CA LYS B 46 -2.73 -2.54 -16.65
C LYS B 46 -1.90 -1.50 -17.41
N ALA B 47 -1.54 -1.82 -18.65
CA ALA B 47 -0.79 -0.92 -19.54
C ALA B 47 -1.42 0.48 -19.60
N SER B 48 -2.75 0.53 -19.75
CA SER B 48 -3.47 1.81 -19.73
C SER B 48 -3.31 2.59 -18.42
N GLY B 49 -3.06 1.88 -17.32
CA GLY B 49 -2.98 2.51 -16.00
C GLY B 49 -1.59 2.93 -15.51
N LEU B 50 -0.54 2.42 -16.16
CA LEU B 50 0.83 2.67 -15.73
C LEU B 50 1.15 4.15 -15.43
N ALA B 51 0.82 5.06 -16.36
CA ALA B 51 1.16 6.48 -16.22
C ALA B 51 0.54 7.06 -14.95
N ASP B 52 -0.74 6.76 -14.73
CA ASP B 52 -1.42 7.18 -13.51
C ASP B 52 -0.91 6.45 -12.27
N ALA B 53 -0.49 5.19 -12.40
CA ALA B 53 0.06 4.46 -11.22
C ALA B 53 1.38 5.08 -10.77
N VAL B 54 2.24 5.39 -11.74
CA VAL B 54 3.50 6.09 -11.49
C VAL B 54 3.27 7.42 -10.76
N LYS B 55 2.37 8.24 -11.30
CA LYS B 55 1.99 9.51 -10.67
C LYS B 55 1.38 9.30 -9.27
N GLY B 56 0.60 8.22 -9.12
CA GLY B 56 0.11 7.75 -7.83
C GLY B 56 1.19 7.57 -6.80
N ALA B 57 2.20 6.77 -7.15
CA ALA B 57 3.34 6.48 -6.28
C ALA B 57 4.05 7.76 -5.83
N LYS B 58 4.22 8.71 -6.74
CA LYS B 58 4.79 10.00 -6.40
C LYS B 58 3.89 10.81 -5.46
N ALA B 59 2.60 10.86 -5.75
CA ALA B 59 1.63 11.61 -4.90
C ALA B 59 1.48 10.99 -3.49
N MET B 60 1.56 9.66 -3.39
CA MET B 60 1.45 8.93 -2.12
C MET B 60 2.77 8.84 -1.38
N GLU B 61 3.78 9.51 -1.94
CA GLU B 61 5.13 9.62 -1.43
C GLU B 61 5.88 8.32 -1.19
N TRP B 62 5.69 7.39 -2.14
CA TRP B 62 6.50 6.17 -2.17
C TRP B 62 7.94 6.56 -2.45
N VAL B 63 8.87 5.73 -2.02
CA VAL B 63 10.30 5.99 -2.30
C VAL B 63 10.83 5.14 -3.45
N GLY B 64 10.02 4.20 -3.91
CA GLY B 64 10.38 3.42 -5.08
C GLY B 64 9.39 2.32 -5.37
N PHE B 65 9.56 1.69 -6.54
CA PHE B 65 8.70 0.59 -6.96
C PHE B 65 9.41 -0.26 -8.00
N ASN B 66 9.04 -1.53 -8.05
CA ASN B 66 9.44 -2.43 -9.14
C ASN B 66 8.44 -2.35 -10.29
N CYS B 67 8.91 -2.78 -11.45
CA CYS B 67 8.11 -2.85 -12.67
C CYS B 67 8.41 -4.19 -13.30
N SER B 68 7.37 -5.01 -13.49
CA SER B 68 7.50 -6.24 -14.24
C SER B 68 6.66 -6.18 -15.53
N LEU B 69 6.65 -7.26 -16.30
CA LEU B 69 5.74 -7.44 -17.44
C LEU B 69 4.34 -6.87 -17.11
N PRO B 70 3.79 -6.01 -17.97
CA PRO B 70 4.36 -5.67 -19.25
C PRO B 70 5.00 -4.27 -19.29
N HIS B 71 5.51 -3.78 -18.14
CA HIS B 71 5.85 -2.35 -18.01
C HIS B 71 7.32 -1.97 -18.14
N LYS B 72 8.21 -2.95 -18.35
CA LYS B 72 9.65 -2.73 -18.32
C LYS B 72 10.17 -1.72 -19.35
N VAL B 73 9.60 -1.75 -20.55
CA VAL B 73 10.01 -0.78 -21.58
C VAL B 73 9.14 0.46 -21.52
N ALA B 74 7.83 0.25 -21.38
CA ALA B 74 6.87 1.36 -21.24
C ALA B 74 7.25 2.41 -20.18
N VAL B 75 7.82 1.96 -19.07
CA VAL B 75 8.13 2.85 -17.95
C VAL B 75 9.18 3.93 -18.27
N LEU B 76 10.07 3.65 -19.22
CA LEU B 76 11.11 4.60 -19.65
C LEU B 76 10.63 6.02 -19.98
N ASP B 77 9.41 6.12 -20.49
CA ASP B 77 8.76 7.40 -20.83
C ASP B 77 8.47 8.26 -19.61
N HIS B 78 8.46 7.61 -18.43
CA HIS B 78 8.04 8.28 -17.20
C HIS B 78 9.22 8.72 -16.35
N LEU B 79 10.43 8.35 -16.79
CA LEU B 79 11.64 8.57 -16.01
C LEU B 79 12.21 9.97 -16.21
N ASP B 80 12.80 10.51 -15.14
CA ASP B 80 13.52 11.78 -15.17
C ASP B 80 15.02 11.51 -15.37
N ASP B 81 15.48 10.35 -14.89
CA ASP B 81 16.85 9.90 -15.11
C ASP B 81 16.91 8.35 -15.18
N ILE B 82 18.06 7.81 -15.59
CA ILE B 82 18.23 6.38 -15.86
C ILE B 82 19.69 5.98 -15.64
N ALA B 83 19.90 4.89 -14.89
CA ALA B 83 21.23 4.36 -14.63
C ALA B 83 21.85 3.81 -15.92
N GLU B 84 23.18 3.82 -16.00
CA GLU B 84 23.87 3.34 -17.20
C GLU B 84 23.46 1.91 -17.56
N SER B 85 23.52 0.98 -16.59
CA SER B 85 23.18 -0.42 -16.85
C SER B 85 21.76 -0.59 -17.36
N ALA B 86 20.82 0.14 -16.73
CA ALA B 86 19.43 0.18 -17.17
C ALA B 86 19.26 0.61 -18.62
N ARG B 87 19.93 1.71 -18.97
CA ARG B 87 19.87 2.26 -20.31
C ARG B 87 20.48 1.33 -21.39
N LEU B 88 21.64 0.76 -21.11
CA LEU B 88 22.25 -0.24 -22.03
C LEU B 88 21.30 -1.42 -22.26
N ILE B 89 20.72 -1.97 -21.18
CA ILE B 89 19.74 -3.08 -21.29
C ILE B 89 18.46 -2.71 -22.08
N GLY B 90 18.01 -1.45 -21.95
CA GLY B 90 16.81 -0.95 -22.63
C GLY B 90 15.52 -1.25 -21.89
N ALA B 91 15.64 -1.54 -20.60
CA ALA B 91 14.50 -1.90 -19.77
C ALA B 91 14.76 -1.48 -18.31
N VAL B 92 13.69 -1.12 -17.62
CA VAL B 92 13.75 -0.74 -16.19
C VAL B 92 12.72 -1.54 -15.37
N ASN B 93 13.18 -2.15 -14.29
CA ASN B 93 12.33 -2.93 -13.37
C ASN B 93 12.44 -2.50 -11.89
N CYS B 94 13.10 -1.36 -11.67
CA CYS B 94 13.34 -0.80 -10.35
C CYS B 94 13.49 0.71 -10.51
N VAL B 95 12.49 1.45 -10.02
CA VAL B 95 12.46 2.90 -10.09
C VAL B 95 12.62 3.44 -8.66
N ALA B 96 13.51 4.40 -8.49
CA ALA B 96 13.64 5.13 -7.26
C ALA B 96 12.90 6.44 -7.40
N ILE B 97 12.26 6.88 -6.32
CA ILE B 97 11.68 8.21 -6.23
C ILE B 97 12.58 9.04 -5.29
N ARG B 98 13.32 9.97 -5.88
CA ARG B 98 14.29 10.82 -5.19
C ARG B 98 13.90 12.24 -5.41
N GLU B 99 13.50 12.91 -4.33
CA GLU B 99 13.11 14.33 -4.39
C GLU B 99 12.06 14.56 -5.48
N GLY B 100 11.04 13.69 -5.50
CA GLY B 100 9.96 13.75 -6.49
C GLY B 100 10.34 13.40 -7.93
N LYS B 101 11.56 12.91 -8.14
CA LYS B 101 12.05 12.57 -9.48
C LYS B 101 12.22 11.07 -9.59
N LEU B 102 11.97 10.56 -10.78
CA LEU B 102 11.99 9.12 -11.03
C LEU B 102 13.25 8.69 -11.77
N ILE B 103 13.97 7.76 -11.16
CA ILE B 103 15.24 7.29 -11.65
C ILE B 103 15.13 5.79 -11.90
N GLY B 104 15.46 5.41 -13.12
CA GLY B 104 15.30 4.04 -13.57
C GLY B 104 16.57 3.22 -13.35
N HIS B 105 16.37 2.04 -12.77
CA HIS B 105 17.41 1.03 -12.59
C HIS B 105 16.91 -0.30 -13.14
N ASN B 106 17.87 -1.15 -13.51
CA ASN B 106 17.59 -2.53 -13.84
C ASN B 106 18.34 -3.48 -12.86
N THR B 107 17.61 -4.41 -12.25
CA THR B 107 18.25 -5.33 -11.29
C THR B 107 18.27 -6.77 -11.74
N ASP B 108 17.79 -7.03 -12.96
CA ASP B 108 17.70 -8.39 -13.52
C ASP B 108 19.05 -9.05 -13.68
N GLY B 109 20.10 -8.26 -13.88
CA GLY B 109 21.48 -8.76 -13.94
C GLY B 109 22.26 -8.53 -12.65
N LYS B 110 21.74 -7.62 -11.81
CA LYS B 110 22.36 -7.25 -10.56
C LYS B 110 22.17 -8.36 -9.51
N GLY B 111 21.03 -9.04 -9.58
CA GLY B 111 20.75 -10.15 -8.67
C GLY B 111 21.77 -11.26 -8.91
N PHE B 112 21.95 -11.61 -10.19
CA PHE B 112 22.99 -12.57 -10.58
C PHE B 112 24.36 -12.15 -10.07
N LEU B 113 24.74 -10.89 -10.33
CA LEU B 113 26.07 -10.39 -10.00
C LEU B 113 26.40 -10.50 -8.51
N ALA B 114 25.48 -10.07 -7.64
CA ALA B 114 25.66 -10.20 -6.20
C ALA B 114 25.76 -11.69 -5.75
N SER B 115 24.97 -12.58 -6.35
CA SER B 115 25.12 -14.01 -6.09
C SER B 115 26.51 -14.49 -6.51
N LEU B 116 26.94 -14.05 -7.69
CA LEU B 116 28.27 -14.38 -8.23
C LEU B 116 29.41 -13.93 -7.30
N LYS B 117 29.23 -12.75 -6.70
CA LYS B 117 30.26 -12.10 -5.88
C LYS B 117 30.50 -12.80 -4.55
N THR B 118 29.60 -13.69 -4.15
CA THR B 118 29.81 -14.55 -2.96
C THR B 118 30.88 -15.61 -3.18
N VAL B 119 31.21 -15.93 -4.43
CA VAL B 119 32.13 -17.04 -4.74
C VAL B 119 33.35 -16.64 -5.58
N THR B 120 33.21 -15.57 -6.35
CA THR B 120 34.31 -15.08 -7.21
C THR B 120 34.07 -13.65 -7.65
N SER B 121 35.13 -13.04 -8.16
CA SER B 121 35.08 -11.73 -8.78
C SER B 121 34.86 -11.89 -10.29
N PRO B 122 33.92 -11.10 -10.85
CA PRO B 122 33.69 -11.08 -12.30
C PRO B 122 34.83 -10.48 -13.12
N ALA B 123 35.74 -9.74 -12.47
CA ALA B 123 36.77 -8.98 -13.18
C ALA B 123 37.80 -9.90 -13.81
N GLY B 124 38.04 -9.71 -15.11
CA GLY B 124 39.00 -10.51 -15.88
C GLY B 124 38.48 -11.87 -16.31
N LYS B 125 37.19 -12.13 -16.09
CA LYS B 125 36.65 -13.50 -16.31
C LYS B 125 36.16 -13.78 -17.72
N ARG B 126 36.26 -15.05 -18.11
CA ARG B 126 35.73 -15.55 -19.37
C ARG B 126 34.35 -16.17 -19.15
N VAL B 127 33.34 -15.59 -19.80
CA VAL B 127 31.95 -15.94 -19.53
C VAL B 127 31.21 -16.53 -20.74
N VAL B 128 30.51 -17.63 -20.51
CA VAL B 128 29.51 -18.13 -21.48
C VAL B 128 28.08 -17.97 -20.93
N ILE B 129 27.26 -17.26 -21.70
CA ILE B 129 25.83 -17.09 -21.40
C ILE B 129 24.96 -17.82 -22.43
N LEU B 130 24.17 -18.76 -21.92
CA LEU B 130 23.14 -19.46 -22.69
C LEU B 130 21.84 -18.66 -22.66
N GLY B 131 21.41 -18.20 -23.83
CA GLY B 131 20.24 -17.31 -23.92
C GLY B 131 20.57 -15.93 -24.43
N ALA B 132 19.56 -15.28 -25.00
CA ALA B 132 19.68 -13.95 -25.54
C ALA B 132 18.39 -13.13 -25.34
N GLY B 133 17.65 -13.48 -24.29
CA GLY B 133 16.45 -12.74 -23.91
C GLY B 133 16.80 -11.63 -22.93
N GLY B 134 15.78 -11.08 -22.27
CA GLY B 134 15.96 -9.96 -21.33
C GLY B 134 16.97 -10.20 -20.22
N ALA B 135 16.89 -11.39 -19.64
CA ALA B 135 17.78 -11.85 -18.58
C ALA B 135 19.23 -11.96 -19.04
N ALA B 136 19.46 -12.64 -20.17
CA ALA B 136 20.80 -12.76 -20.74
C ALA B 136 21.41 -11.37 -21.02
N ARG B 137 20.62 -10.49 -21.63
CA ARG B 137 21.07 -9.12 -21.97
C ARG B 137 21.46 -8.35 -20.71
N ALA B 138 20.65 -8.51 -19.65
CA ALA B 138 20.92 -7.87 -18.37
C ALA B 138 22.18 -8.40 -17.72
N ILE B 139 22.31 -9.73 -17.69
CA ILE B 139 23.49 -10.37 -17.11
C ILE B 139 24.77 -9.96 -17.84
N ALA B 140 24.74 -9.96 -19.17
CA ALA B 140 25.89 -9.58 -20.00
C ALA B 140 26.35 -8.14 -19.72
N VAL B 141 25.40 -7.21 -19.66
CA VAL B 141 25.66 -5.80 -19.34
C VAL B 141 26.31 -5.68 -17.95
N GLU B 142 25.69 -6.25 -16.91
CA GLU B 142 26.25 -6.11 -15.55
C GLU B 142 27.63 -6.74 -15.45
N LEU B 143 27.81 -7.91 -16.08
CA LEU B 143 29.13 -8.55 -16.13
C LEU B 143 30.21 -7.68 -16.75
N ALA B 144 29.88 -7.06 -17.88
CA ALA B 144 30.82 -6.25 -18.64
C ALA B 144 31.19 -4.98 -17.88
N LEU B 145 30.19 -4.34 -17.31
CA LEU B 145 30.40 -3.19 -16.45
C LEU B 145 31.25 -3.50 -15.22
N ALA B 146 31.11 -4.70 -14.65
CA ALA B 146 31.88 -5.14 -13.48
C ALA B 146 33.30 -5.70 -13.79
N GLY B 147 33.65 -5.72 -15.06
CA GLY B 147 35.03 -5.99 -15.44
C GLY B 147 35.33 -7.28 -16.17
N ALA B 148 34.28 -8.00 -16.57
CA ALA B 148 34.46 -9.30 -17.25
C ALA B 148 35.26 -9.09 -18.52
N ALA B 149 36.16 -10.02 -18.80
CA ALA B 149 37.06 -9.91 -19.96
C ALA B 149 36.39 -10.28 -21.30
N HIS B 150 35.67 -11.40 -21.32
CA HIS B 150 35.13 -11.93 -22.56
C HIS B 150 33.79 -12.57 -22.27
N ILE B 151 32.78 -12.17 -23.02
CA ILE B 151 31.42 -12.71 -22.87
C ILE B 151 30.93 -13.31 -24.19
N THR B 152 30.60 -14.60 -24.14
CA THR B 152 29.99 -15.31 -25.26
C THR B 152 28.51 -15.53 -24.99
N ILE B 153 27.70 -15.07 -25.94
CA ILE B 153 26.23 -15.23 -25.93
C ILE B 153 25.85 -16.32 -26.93
N VAL B 154 25.25 -17.38 -26.40
CA VAL B 154 24.91 -18.58 -27.15
C VAL B 154 23.38 -18.63 -27.24
N ASN B 155 22.87 -18.69 -28.48
CA ASN B 155 21.43 -18.61 -28.75
C ASN B 155 21.06 -19.27 -30.06
N ARG B 156 19.89 -19.93 -30.07
CA ARG B 156 19.33 -20.57 -31.27
C ARG B 156 19.15 -19.53 -32.38
N ASP B 157 18.52 -18.41 -32.03
CA ASP B 157 18.42 -17.26 -32.92
C ASP B 157 19.72 -16.44 -32.78
N ALA B 158 20.67 -16.76 -33.65
CA ALA B 158 21.98 -16.10 -33.68
C ALA B 158 21.95 -14.55 -33.72
N SER B 159 20.93 -13.99 -34.38
CA SER B 159 20.75 -12.54 -34.49
C SER B 159 20.49 -11.83 -33.15
N LYS B 160 19.76 -12.51 -32.26
CA LYS B 160 19.59 -12.08 -30.87
C LYS B 160 20.90 -12.13 -30.09
N ALA B 161 21.70 -13.19 -30.30
CA ALA B 161 23.04 -13.27 -29.74
C ALA B 161 23.89 -12.11 -30.29
N GLU B 162 23.74 -11.82 -31.58
CA GLU B 162 24.52 -10.79 -32.25
C GLU B 162 24.27 -9.39 -31.69
N THR B 163 23.01 -9.11 -31.38
CA THR B 163 22.59 -7.86 -30.74
C THR B 163 23.27 -7.61 -29.38
N ILE B 164 23.32 -8.63 -28.52
CA ILE B 164 23.94 -8.48 -27.20
C ILE B 164 25.47 -8.29 -27.29
N ALA B 165 26.13 -9.12 -28.13
CA ALA B 165 27.59 -9.08 -28.26
C ALA B 165 28.08 -7.73 -28.78
N ALA B 166 27.39 -7.20 -29.79
CA ALA B 166 27.60 -5.85 -30.32
C ALA B 166 27.45 -4.79 -29.23
N LEU B 167 26.39 -4.88 -28.42
CA LEU B 167 26.20 -4.00 -27.24
C LEU B 167 27.45 -4.01 -26.33
N ILE B 168 27.90 -5.23 -25.99
CA ILE B 168 29.08 -5.44 -25.15
C ILE B 168 30.34 -4.81 -25.77
N ASN B 169 30.55 -5.04 -27.06
CA ASN B 169 31.70 -4.50 -27.79
C ASN B 169 31.66 -2.97 -27.92
N ASP B 170 30.47 -2.44 -28.25
CA ASP B 170 30.27 -1.01 -28.52
C ASP B 170 30.32 -0.13 -27.29
N LYS B 171 29.78 -0.63 -26.17
CA LYS B 171 29.45 0.23 -25.02
C LYS B 171 30.18 -0.07 -23.71
N THR B 172 30.97 -1.15 -23.68
CA THR B 172 31.67 -1.58 -22.46
C THR B 172 33.12 -1.95 -22.77
N GLU B 173 33.90 -2.23 -21.73
CA GLU B 173 35.32 -2.59 -21.86
C GLU B 173 35.51 -4.02 -22.34
N ALA B 174 34.49 -4.84 -22.14
CA ALA B 174 34.52 -6.28 -22.42
C ALA B 174 34.43 -6.66 -23.90
N THR B 175 35.01 -7.82 -24.23
CA THR B 175 34.83 -8.41 -25.55
C THR B 175 33.55 -9.27 -25.55
N GLY B 176 32.67 -8.98 -26.50
CA GLY B 176 31.45 -9.76 -26.69
C GLY B 176 31.54 -10.59 -27.96
N GLU B 177 30.95 -11.78 -27.91
CA GLU B 177 30.94 -12.71 -29.04
C GLU B 177 29.61 -13.45 -29.10
N ALA B 178 29.06 -13.59 -30.31
CA ALA B 178 27.83 -14.35 -30.57
C ALA B 178 28.12 -15.72 -31.15
N GLN B 179 27.32 -16.70 -30.73
CA GLN B 179 27.42 -18.06 -31.18
C GLN B 179 26.00 -18.61 -31.46
N ALA B 180 25.79 -19.10 -32.69
CA ALA B 180 24.56 -19.79 -33.08
C ALA B 180 24.50 -21.13 -32.36
N TRP B 181 23.37 -21.39 -31.70
CA TRP B 181 23.19 -22.64 -30.95
C TRP B 181 22.53 -23.73 -31.78
N SER B 182 23.30 -24.76 -32.11
CA SER B 182 22.80 -25.92 -32.84
C SER B 182 23.41 -27.20 -32.26
N GLY B 183 22.58 -27.93 -31.51
CA GLY B 183 23.01 -29.12 -30.76
C GLY B 183 23.81 -28.77 -29.53
N LYS B 184 24.33 -29.81 -28.86
CA LYS B 184 25.28 -29.66 -27.76
C LYS B 184 26.57 -29.06 -28.29
N PHE B 185 27.17 -28.17 -27.52
CA PHE B 185 28.49 -27.63 -27.83
C PHE B 185 29.44 -27.74 -26.63
N SER B 186 30.73 -27.91 -26.96
CA SER B 186 31.80 -27.96 -25.98
C SER B 186 32.18 -26.56 -25.52
N LEU B 187 32.34 -26.39 -24.21
CA LEU B 187 32.84 -25.15 -23.63
C LEU B 187 34.35 -24.98 -23.86
N PRO B 188 34.78 -23.72 -24.16
CA PRO B 188 36.21 -23.41 -24.10
C PRO B 188 36.78 -23.80 -22.74
N THR B 189 37.97 -24.43 -22.76
CA THR B 189 38.65 -24.88 -21.55
C THR B 189 38.87 -23.76 -20.51
N GLY B 190 39.03 -22.53 -20.99
CA GLY B 190 39.25 -21.36 -20.13
C GLY B 190 38.00 -20.69 -19.59
N THR B 191 36.83 -21.31 -19.77
CA THR B 191 35.56 -20.76 -19.27
C THR B 191 35.50 -20.74 -17.74
N ASP B 192 35.43 -19.53 -17.17
CA ASP B 192 35.34 -19.31 -15.73
C ASP B 192 33.90 -19.40 -15.19
N ILE B 193 32.96 -18.89 -15.97
CA ILE B 193 31.56 -18.79 -15.53
C ILE B 193 30.64 -19.21 -16.68
N LEU B 194 29.75 -20.17 -16.40
CA LEU B 194 28.74 -20.62 -17.36
C LEU B 194 27.35 -20.33 -16.77
N ILE B 195 26.57 -19.56 -17.51
CA ILE B 195 25.26 -19.12 -17.02
C ILE B 195 24.15 -19.58 -17.96
N ASN B 196 23.21 -20.32 -17.39
CA ASN B 196 21.94 -20.52 -18.05
C ASN B 196 21.05 -19.30 -17.85
N ALA B 197 20.76 -18.60 -18.95
CA ALA B 197 19.84 -17.46 -18.91
C ALA B 197 18.64 -17.70 -19.84
N THR B 198 18.49 -18.96 -20.27
CA THR B 198 17.30 -19.41 -21.00
C THR B 198 16.19 -19.75 -20.02
N SER B 199 14.98 -19.94 -20.56
CA SER B 199 13.85 -20.46 -19.77
C SER B 199 13.84 -21.98 -19.58
N ILE B 200 14.85 -22.70 -20.11
CA ILE B 200 14.93 -24.16 -19.97
C ILE B 200 15.03 -24.56 -18.49
N GLY B 201 14.12 -25.44 -18.06
CA GLY B 201 14.06 -25.91 -16.68
C GLY B 201 13.06 -25.20 -15.78
N LEU B 202 12.43 -24.13 -16.29
CA LEU B 202 11.43 -23.37 -15.53
C LEU B 202 10.25 -24.26 -15.12
N GLY B 203 10.10 -24.47 -13.82
CA GLY B 203 9.10 -25.41 -13.27
C GLY B 203 9.21 -26.83 -13.80
N ASP B 204 10.44 -27.23 -14.15
CA ASP B 204 10.71 -28.52 -14.83
C ASP B 204 12.10 -29.06 -14.44
N PRO B 205 12.13 -30.01 -13.46
CA PRO B 205 13.37 -30.53 -12.90
C PRO B 205 14.20 -31.40 -13.84
N ASN B 206 13.63 -31.79 -14.99
CA ASN B 206 14.28 -32.76 -15.87
C ASN B 206 14.93 -32.21 -17.14
N ALA B 207 14.54 -30.99 -17.54
CA ALA B 207 15.04 -30.38 -18.78
C ALA B 207 16.38 -29.69 -18.54
N ALA B 208 17.37 -30.09 -19.34
CA ALA B 208 18.73 -29.52 -19.29
C ALA B 208 19.10 -28.81 -20.61
N PRO B 209 19.82 -27.68 -20.54
CA PRO B 209 20.30 -27.00 -21.76
C PRO B 209 21.29 -27.88 -22.55
N PRO B 210 21.17 -27.90 -23.91
CA PRO B 210 22.09 -28.72 -24.72
C PRO B 210 23.51 -28.16 -24.78
N VAL B 211 24.32 -28.59 -23.83
CA VAL B 211 25.75 -28.28 -23.77
C VAL B 211 26.50 -29.57 -23.43
N GLU B 212 27.70 -29.70 -23.99
CA GLU B 212 28.54 -30.86 -23.73
C GLU B 212 29.11 -30.73 -22.33
N MET B 213 28.50 -31.46 -21.39
CA MET B 213 28.78 -31.30 -19.97
C MET B 213 30.14 -31.86 -19.54
N GLY B 214 30.71 -32.76 -20.34
CA GLY B 214 32.08 -33.23 -20.12
C GLY B 214 33.17 -32.19 -20.36
N SER B 215 32.82 -31.10 -21.05
CA SER B 215 33.75 -29.98 -21.27
C SER B 215 33.72 -29.02 -20.07
N LEU B 216 33.01 -29.44 -19.01
CA LEU B 216 32.74 -28.66 -17.82
C LEU B 216 33.40 -29.33 -16.60
N THR B 217 34.23 -28.55 -15.90
CA THR B 217 34.97 -29.02 -14.71
C THR B 217 34.78 -28.07 -13.52
N LYS B 218 35.29 -28.48 -12.35
CA LYS B 218 35.26 -27.68 -11.11
C LYS B 218 35.88 -26.27 -11.19
N GLU B 219 36.62 -25.99 -12.26
CA GLU B 219 37.20 -24.67 -12.50
C GLU B 219 36.17 -23.67 -13.04
N THR B 220 34.96 -24.14 -13.32
CA THR B 220 33.90 -23.27 -13.83
C THR B 220 32.78 -23.14 -12.82
N VAL B 221 32.48 -21.90 -12.43
CA VAL B 221 31.26 -21.57 -11.68
C VAL B 221 30.04 -21.68 -12.60
N VAL B 222 29.11 -22.56 -12.27
CA VAL B 222 27.90 -22.73 -13.07
C VAL B 222 26.68 -22.05 -12.39
N ALA B 223 26.00 -21.17 -13.12
CA ALA B 223 24.87 -20.41 -12.60
C ALA B 223 23.60 -20.63 -13.44
N ASP B 224 22.44 -20.50 -12.80
CA ASP B 224 21.17 -20.71 -13.47
C ASP B 224 20.15 -19.70 -12.97
N VAL B 225 19.50 -19.01 -13.91
CA VAL B 225 18.52 -17.96 -13.54
C VAL B 225 17.18 -18.50 -13.04
N ILE B 226 16.90 -19.79 -13.29
CA ILE B 226 15.60 -20.40 -12.94
C ILE B 226 15.37 -20.29 -11.44
N PRO B 227 14.29 -19.58 -11.04
CA PRO B 227 14.06 -19.42 -9.60
C PRO B 227 13.47 -20.67 -8.95
N ASN B 228 12.63 -21.38 -9.69
CA ASN B 228 11.87 -22.54 -9.19
C ASN B 228 11.66 -23.59 -10.30
N PRO B 229 12.13 -24.83 -10.14
CA PRO B 229 12.91 -25.28 -8.97
C PRO B 229 14.34 -24.68 -8.99
N PRO B 230 14.87 -24.29 -7.81
CA PRO B 230 16.23 -23.73 -7.79
C PRO B 230 17.28 -24.73 -8.24
N GLN B 231 17.11 -26.01 -7.88
CA GLN B 231 18.05 -27.07 -8.22
C GLN B 231 17.64 -27.71 -9.55
N THR B 232 17.95 -27.01 -10.62
CA THR B 232 17.62 -27.45 -11.98
C THR B 232 18.48 -28.64 -12.37
N ARG B 233 18.08 -29.37 -13.41
CA ARG B 233 18.89 -30.48 -13.95
C ARG B 233 20.31 -30.00 -14.28
N PHE B 234 20.40 -28.81 -14.89
CA PHE B 234 21.66 -28.14 -15.22
C PHE B 234 22.59 -27.98 -14.02
N LEU B 235 22.07 -27.38 -12.94
CA LEU B 235 22.85 -27.22 -11.71
C LEU B 235 23.14 -28.54 -11.00
N LYS B 236 22.20 -29.47 -11.06
CA LYS B 236 22.42 -30.79 -10.46
C LYS B 236 23.54 -31.55 -11.19
N ASP B 237 23.56 -31.49 -12.53
CA ASP B 237 24.65 -32.13 -13.29
C ASP B 237 25.99 -31.48 -13.04
N ALA B 238 26.04 -30.14 -13.06
CA ALA B 238 27.25 -29.37 -12.74
C ALA B 238 27.79 -29.69 -11.34
N LYS B 239 26.91 -29.75 -10.34
CA LYS B 239 27.29 -30.14 -8.96
C LYS B 239 27.99 -31.51 -8.88
N ALA B 240 27.43 -32.50 -9.56
CA ALA B 240 27.99 -33.87 -9.62
C ALA B 240 29.35 -33.92 -10.36
N LEU B 241 29.60 -32.90 -11.18
CA LEU B 241 30.87 -32.72 -11.87
C LEU B 241 31.85 -31.89 -11.04
N GLY B 242 31.43 -31.54 -9.83
CA GLY B 242 32.28 -30.87 -8.84
C GLY B 242 32.23 -29.36 -8.85
N CYS B 243 31.38 -28.78 -9.70
CA CYS B 243 31.33 -27.33 -9.88
C CYS B 243 30.60 -26.68 -8.71
N THR B 244 31.08 -25.47 -8.35
CA THR B 244 30.32 -24.53 -7.52
C THR B 244 29.15 -24.03 -8.38
N THR B 245 27.99 -23.90 -7.76
CA THR B 245 26.77 -23.56 -8.47
C THR B 245 26.05 -22.44 -7.73
N LEU B 246 25.30 -21.63 -8.48
CA LEU B 246 24.47 -20.56 -7.94
C LEU B 246 23.12 -20.61 -8.61
N ASP B 247 22.06 -20.43 -7.81
CA ASP B 247 20.73 -20.65 -8.33
C ASP B 247 19.89 -19.39 -8.43
N GLY B 248 18.84 -19.48 -9.23
CA GLY B 248 17.94 -18.38 -9.52
C GLY B 248 17.13 -17.89 -8.33
N LEU B 249 16.94 -18.75 -7.32
CA LEU B 249 16.29 -18.35 -6.04
C LEU B 249 17.12 -17.31 -5.31
N GLY B 250 18.42 -17.58 -5.21
CA GLY B 250 19.38 -16.67 -4.59
C GLY B 250 19.46 -15.36 -5.37
N MET B 251 19.43 -15.47 -6.70
CA MET B 251 19.45 -14.31 -7.61
C MET B 251 18.22 -13.42 -7.45
N LEU B 252 17.05 -14.05 -7.33
CA LEU B 252 15.79 -13.31 -7.19
C LEU B 252 15.78 -12.55 -5.88
N VAL B 253 16.16 -13.20 -4.79
CA VAL B 253 16.34 -12.59 -3.47
C VAL B 253 17.24 -11.35 -3.55
N ASN B 254 18.40 -11.52 -4.20
CA ASN B 254 19.35 -10.42 -4.37
C ASN B 254 18.82 -9.23 -5.17
N GLN B 255 17.90 -9.48 -6.12
CA GLN B 255 17.19 -8.37 -6.80
C GLN B 255 16.42 -7.56 -5.76
N GLY B 256 15.76 -8.25 -4.83
CA GLY B 256 15.02 -7.61 -3.72
C GLY B 256 15.94 -6.81 -2.80
N VAL B 257 17.11 -7.36 -2.51
CA VAL B 257 18.12 -6.68 -1.66
C VAL B 257 18.66 -5.43 -2.37
N ILE B 258 19.10 -5.59 -3.60
CA ILE B 258 19.58 -4.43 -4.41
C ILE B 258 18.52 -3.33 -4.57
N GLY B 259 17.28 -3.73 -4.85
CA GLY B 259 16.16 -2.79 -4.95
C GLY B 259 15.93 -1.96 -3.70
N VAL B 260 15.91 -2.62 -2.53
CA VAL B 260 15.64 -1.93 -1.26
C VAL B 260 16.82 -1.00 -0.94
N GLU B 261 18.04 -1.44 -1.29
CA GLU B 261 19.23 -0.61 -1.12
C GLU B 261 19.14 0.69 -1.93
N ILE B 262 18.60 0.59 -3.14
CA ILE B 262 18.38 1.74 -4.03
C ILE B 262 17.27 2.65 -3.49
N TRP B 263 16.23 2.04 -2.91
CA TRP B 263 15.06 2.80 -2.41
C TRP B 263 15.28 3.42 -1.05
N LEU B 264 15.77 2.62 -0.10
CA LEU B 264 15.90 3.07 1.31
C LEU B 264 17.32 3.37 1.77
N GLY B 265 18.33 2.89 1.02
CA GLY B 265 19.72 2.94 1.46
C GLY B 265 20.05 1.95 2.57
N ARG B 266 19.30 0.87 2.66
CA ARG B 266 19.47 -0.13 3.73
C ARG B 266 19.53 -1.53 3.14
N THR B 267 20.45 -2.35 3.65
CA THR B 267 20.68 -3.70 3.16
C THR B 267 19.91 -4.73 4.01
N LEU B 268 18.87 -5.31 3.41
CA LEU B 268 18.08 -6.37 4.03
C LEU B 268 18.87 -7.66 3.99
N ASP B 269 18.54 -8.60 4.87
CA ASP B 269 19.23 -9.87 4.92
C ASP B 269 18.76 -10.86 3.86
N SER B 270 19.70 -11.26 2.99
CA SER B 270 19.40 -12.27 1.96
C SER B 270 19.00 -13.65 2.51
N ALA B 271 19.62 -14.08 3.62
CA ALA B 271 19.31 -15.40 4.18
C ALA B 271 17.83 -15.48 4.56
N VAL B 272 17.35 -14.53 5.36
CA VAL B 272 15.93 -14.45 5.73
C VAL B 272 15.03 -14.50 4.49
N MET B 273 15.31 -13.65 3.51
CA MET B 273 14.50 -13.57 2.30
C MET B 273 14.52 -14.87 1.47
N ALA B 274 15.67 -15.53 1.41
CA ALA B 274 15.76 -16.82 0.70
C ALA B 274 14.89 -17.90 1.36
N GLN B 275 14.84 -17.90 2.71
CA GLN B 275 13.99 -18.84 3.45
C GLN B 275 12.50 -18.57 3.22
N THR B 276 12.12 -17.29 3.14
CA THR B 276 10.75 -16.93 2.75
C THR B 276 10.40 -17.52 1.36
N LEU B 277 11.24 -17.29 0.36
CA LEU B 277 11.04 -17.93 -0.95
C LEU B 277 10.99 -19.47 -0.86
N GLU B 278 11.90 -20.06 -0.10
CA GLU B 278 11.91 -21.52 0.14
C GLU B 278 10.58 -22.01 0.72
N ASN B 279 10.04 -21.25 1.67
CA ASN B 279 8.73 -21.49 2.26
C ASN B 279 7.59 -21.49 1.23
N ILE B 280 7.56 -20.44 0.40
CA ILE B 280 6.59 -20.25 -0.68
C ILE B 280 6.70 -21.36 -1.73
N PHE B 281 7.90 -21.59 -2.25
CA PHE B 281 8.10 -22.61 -3.28
C PHE B 281 7.86 -24.04 -2.78
N GLY B 282 8.28 -24.30 -1.53
CA GLY B 282 8.26 -25.63 -0.94
C GLY B 282 6.89 -26.16 -0.55
PA NDP C . -14.23 21.91 14.48
O1A NDP C . -12.98 22.71 14.76
O2A NDP C . -14.78 21.88 13.06
O5B NDP C . -15.41 22.43 15.45
C5B NDP C . -15.15 22.64 16.84
C4B NDP C . -16.45 22.94 17.55
O4B NDP C . -16.26 22.86 18.96
C3B NDP C . -16.94 24.36 17.29
O3B NDP C . -18.37 24.36 17.18
C2B NDP C . -16.54 25.13 18.52
O2B NDP C . -17.35 26.29 18.77
C1B NDP C . -16.68 24.07 19.61
N9A NDP C . -15.83 24.37 20.79
C8A NDP C . -14.51 24.07 20.91
N7A NDP C . -14.03 24.49 22.11
C5A NDP C . -15.08 25.04 22.78
C6A NDP C . -15.29 25.66 24.10
N6A NDP C . -14.24 25.78 24.97
N1A NDP C . -16.53 26.12 24.43
C2A NDP C . -17.56 26.02 23.58
N3A NDP C . -17.45 25.45 22.36
C4A NDP C . -16.25 24.95 21.90
O3 NDP C . -14.01 20.41 15.02
PN NDP C . -14.80 19.13 14.41
O1N NDP C . -14.11 18.72 13.13
O2N NDP C . -16.27 19.45 14.40
O5D NDP C . -14.54 17.95 15.49
C5D NDP C . -14.88 18.07 16.87
C4D NDP C . -14.36 16.86 17.64
O4D NDP C . -15.02 15.68 17.20
C3D NDP C . -12.86 16.63 17.43
O3D NDP C . -12.26 16.55 18.74
C2D NDP C . -12.74 15.32 16.66
O2D NDP C . -11.65 14.53 17.16
C1D NDP C . -14.08 14.63 16.92
N1N NDP C . -14.59 13.73 15.86
C2N NDP C . -14.87 12.45 16.22
C3N NDP C . -15.38 11.51 15.31
C7N NDP C . -15.65 10.08 15.77
O7N NDP C . -15.99 9.23 14.94
N7N NDP C . -15.49 9.76 17.06
C4N NDP C . -15.63 11.94 13.99
C5N NDP C . -15.37 13.27 13.64
C6N NDP C . -14.85 14.15 14.60
P2B NDP C . -17.16 27.63 17.91
O1X NDP C . -17.91 27.33 16.64
O2X NDP C . -17.81 28.70 18.77
O3X NDP C . -15.66 27.77 17.74
PA NDP D . 12.90 -14.45 -22.82
O1A NDP D . 11.59 -14.99 -23.31
O2A NDP D . 13.21 -12.96 -22.97
O5B NDP D . 14.08 -15.30 -23.54
C5B NDP D . 14.25 -16.67 -23.21
C4B NDP D . 15.54 -17.23 -23.83
O4B NDP D . 15.53 -18.64 -23.66
C3B NDP D . 15.63 -16.98 -25.33
O3B NDP D . 16.96 -16.52 -25.60
C2B NDP D . 15.36 -18.34 -25.97
O2B NDP D . 16.02 -18.59 -27.22
C1B NDP D . 15.88 -19.28 -24.88
N9A NDP D . 15.29 -20.64 -24.98
C8A NDP D . 14.07 -21.02 -24.60
N7A NDP D . 13.88 -22.35 -24.84
C5A NDP D . 15.01 -22.83 -25.39
C6A NDP D . 15.50 -24.15 -25.88
N6A NDP D . 14.69 -25.24 -25.83
N1A NDP D . 16.75 -24.22 -26.39
C2A NDP D . 17.57 -23.14 -26.45
N3A NDP D . 17.19 -21.92 -26.00
C4A NDP D . 15.95 -21.70 -25.48
O3 NDP D . 13.09 -14.83 -21.26
PN NDP D . 13.82 -13.87 -20.16
O1N NDP D . 12.80 -12.83 -19.74
O2N NDP D . 15.18 -13.43 -20.63
O5D NDP D . 14.03 -14.83 -18.88
C5D NDP D . 14.61 -16.13 -18.97
C4D NDP D . 14.41 -16.84 -17.64
O4D NDP D . 15.09 -16.11 -16.62
C3D NDP D . 12.96 -16.92 -17.20
O3D NDP D . 12.65 -18.29 -16.93
C2D NDP D . 12.85 -16.08 -15.93
O2D NDP D . 12.03 -16.76 -14.96
C1D NDP D . 14.29 -16.00 -15.45
N1N NDP D . 14.71 -14.80 -14.72
C2N NDP D . 15.24 -14.98 -13.49
C3N NDP D . 15.70 -13.88 -12.73
C7N NDP D . 16.27 -14.07 -11.34
O7N NDP D . 16.62 -13.10 -10.72
N7N NDP D . 16.36 -15.28 -10.79
C4N NDP D . 15.59 -12.60 -13.29
C5N NDP D . 15.06 -12.43 -14.57
C6N NDP D . 14.62 -13.57 -15.28
P2B NDP D . 15.56 -17.93 -28.62
O1X NDP D . 16.10 -16.51 -28.62
O2X NDP D . 16.22 -18.82 -29.67
O3X NDP D . 14.06 -17.98 -28.58
#